data_3QIY
#
_entry.id   3QIY
#
_cell.length_a   59.075
_cell.length_b   190.594
_cell.length_c   42.721
_cell.angle_alpha   90.000
_cell.angle_beta   90.000
_cell.angle_gamma   90.000
#
_symmetry.space_group_name_H-M   'P 21 21 2'
#
loop_
_entity.id
_entity.type
_entity.pdbx_description
1 polymer 'Botulinum neurotoxin type A'
2 non-polymer 'ZINC ION'
3 non-polymer 4-[bis(4-chlorobenzyl)amino]-N-hydroxybutanamide
4 non-polymer 1,2-ETHANEDIOL
5 water water
#
_entity_poly.entity_id   1
_entity_poly.type   'polypeptide(L)'
_entity_poly.pdbx_seq_one_letter_code
;MGFVNKQFNYKDPVNGVDIAYIKIPNAGQMQPVKAFKIHNKIWVIPERDTFTNPEEGDLNPPPEAKQVPVSYYDSTYLST
DNEKDNYLKGVTKLFERIYSTDLGRMLLTSIVRGIPFWGGSTIDTELKVIDTNCINVIQPDGSYRSEELNLVIIGPSADI
IQFECKSFGHEVLNLTRNGYGSTQYIRFSPDFTFGFEESLEVDTNPLLGAGKFATDPAVTLAHELIHAGHRLYGIAINPN
RVFKVNTNAYYEMSGLEVSFEELRTFGGHDAKFIDSLQENEFRLYYYNKFKDIASTLNKAKSIVGTTASLQYMKNVFKEK
YLLSEDTSGKFSVDKLKFDKLYKMLTEIYTEDNFVKFFKVLNRKTYLNFDKAVFKINIVPKVNYTIYDGFNLRNTNLAAN
FNGQNTEINNMNFTKLKNFTGLFEHHHHHH
;
_entity_poly.pdbx_strand_id   A
#
loop_
_chem_comp.id
_chem_comp.type
_chem_comp.name
_chem_comp.formula
EDO non-polymer 1,2-ETHANEDIOL 'C2 H6 O2'
QI1 non-polymer 4-[bis(4-chlorobenzyl)amino]-N-hydroxybutanamide 'C18 H20 Cl2 N2 O2'
ZN non-polymer 'ZINC ION' 'Zn 2'
#
# COMPACT_ATOMS: atom_id res chain seq x y z
N GLY A 2 -13.56 -14.42 -2.08
CA GLY A 2 -12.13 -14.12 -2.16
C GLY A 2 -11.62 -13.26 -1.02
N PHE A 3 -10.65 -12.38 -1.31
CA PHE A 3 -10.04 -11.46 -0.34
C PHE A 3 -11.03 -10.40 0.16
N VAL A 4 -11.85 -9.84 -0.76
CA VAL A 4 -12.90 -8.85 -0.47
C VAL A 4 -14.26 -9.55 -0.67
N ASN A 5 -14.91 -9.99 0.38
CA ASN A 5 -16.16 -10.72 0.19
C ASN A 5 -17.41 -9.87 -0.03
N LYS A 6 -17.30 -8.58 0.24
CA LYS A 6 -18.41 -7.66 0.02
C LYS A 6 -18.11 -6.78 -1.20
N GLN A 7 -18.93 -6.92 -2.26
CA GLN A 7 -18.79 -6.15 -3.51
C GLN A 7 -19.61 -4.85 -3.32
N PHE A 8 -19.01 -3.91 -2.54
CA PHE A 8 -19.57 -2.62 -2.15
C PHE A 8 -19.94 -1.70 -3.31
N ASN A 9 -20.99 -0.92 -3.11
CA ASN A 9 -21.39 0.15 -4.04
C ASN A 9 -21.16 1.45 -3.26
N TYR A 10 -20.70 2.52 -3.94
CA TYR A 10 -20.47 3.78 -3.22
C TYR A 10 -21.70 4.30 -2.48
N LYS A 11 -22.89 4.12 -3.09
CA LYS A 11 -24.21 4.55 -2.59
C LYS A 11 -24.74 3.71 -1.41
N ASP A 12 -24.13 2.53 -1.12
CA ASP A 12 -24.56 1.64 -0.03
C ASP A 12 -24.69 2.40 1.31
N PRO A 13 -25.81 2.22 2.06
CA PRO A 13 -25.97 2.97 3.32
C PRO A 13 -24.96 2.59 4.38
N VAL A 14 -24.57 3.56 5.21
CA VAL A 14 -23.62 3.34 6.28
C VAL A 14 -24.18 2.38 7.32
N ASN A 15 -23.30 1.54 7.88
CA ASN A 15 -23.69 0.54 8.85
C ASN A 15 -22.78 0.59 10.08
N GLY A 16 -21.74 1.44 10.00
CA GLY A 16 -20.79 1.68 11.09
C GLY A 16 -19.77 0.59 11.38
N VAL A 17 -19.87 -0.53 10.65
CA VAL A 17 -18.92 -1.64 10.78
C VAL A 17 -17.90 -1.76 9.63
N ASP A 18 -18.39 -1.75 8.38
CA ASP A 18 -17.53 -1.75 7.19
C ASP A 18 -17.85 -0.63 6.22
N ILE A 19 -19.03 0.00 6.37
CA ILE A 19 -19.44 1.16 5.57
C ILE A 19 -19.71 2.27 6.59
N ALA A 20 -18.78 3.21 6.75
CA ALA A 20 -18.90 4.28 7.73
C ALA A 20 -18.21 5.58 7.30
N TYR A 21 -18.58 6.69 7.95
CA TYR A 21 -17.96 8.00 7.77
C TYR A 21 -16.84 8.06 8.82
N ILE A 22 -15.63 8.42 8.39
CA ILE A 22 -14.43 8.39 9.23
C ILE A 22 -13.56 9.66 9.17
N LYS A 23 -12.70 9.82 10.17
CA LYS A 23 -11.71 10.90 10.22
C LYS A 23 -10.33 10.23 10.33
N ILE A 24 -9.37 10.62 9.50
CA ILE A 24 -8.01 10.05 9.55
C ILE A 24 -7.19 10.90 10.53
N PRO A 25 -6.13 10.34 11.16
CA PRO A 25 -5.37 11.13 12.15
C PRO A 25 -4.40 12.15 11.54
N ASN A 26 -4.95 13.13 10.81
CA ASN A 26 -4.22 14.21 10.14
C ASN A 26 -3.75 15.30 11.11
N ALA A 27 -4.27 15.33 12.35
CA ALA A 27 -3.87 16.36 13.29
C ALA A 27 -4.50 17.74 12.99
N GLY A 28 -5.52 17.72 12.15
CA GLY A 28 -6.31 18.89 11.78
C GLY A 28 -7.80 18.57 11.79
N GLN A 29 -8.66 19.61 11.74
CA GLN A 29 -10.10 19.42 11.71
C GLN A 29 -10.57 19.13 10.28
N MET A 30 -10.90 17.86 9.99
CA MET A 30 -11.38 17.43 8.67
C MET A 30 -12.86 17.08 8.75
N GLN A 31 -13.57 17.14 7.62
CA GLN A 31 -14.97 16.71 7.55
C GLN A 31 -14.90 15.17 7.38
N PRO A 32 -15.79 14.38 8.02
CA PRO A 32 -15.74 12.92 7.81
C PRO A 32 -16.06 12.48 6.38
N VAL A 33 -15.32 11.49 5.90
CA VAL A 33 -15.46 10.95 4.56
C VAL A 33 -15.95 9.50 4.55
N LYS A 34 -16.74 9.12 3.53
CA LYS A 34 -17.24 7.75 3.41
C LYS A 34 -16.09 6.79 3.10
N ALA A 35 -15.89 5.76 3.95
CA ALA A 35 -14.82 4.76 3.77
C ALA A 35 -15.38 3.35 3.78
N PHE A 36 -14.61 2.40 3.24
CA PHE A 36 -15.04 1.01 3.12
C PHE A 36 -13.98 0.04 3.53
N LYS A 37 -14.26 -0.74 4.62
CA LYS A 37 -13.39 -1.79 5.12
C LYS A 37 -13.62 -2.99 4.20
N ILE A 38 -12.70 -3.17 3.24
CA ILE A 38 -12.77 -4.22 2.20
C ILE A 38 -12.28 -5.59 2.72
N HIS A 39 -11.44 -5.57 3.75
CA HIS A 39 -10.89 -6.75 4.44
C HIS A 39 -10.51 -6.28 5.84
N ASN A 40 -10.17 -7.21 6.71
CA ASN A 40 -9.73 -6.87 8.04
C ASN A 40 -8.50 -6.00 7.95
N LYS A 41 -8.49 -4.94 8.75
CA LYS A 41 -7.40 -3.97 8.89
C LYS A 41 -7.13 -3.13 7.65
N ILE A 42 -7.96 -3.23 6.60
CA ILE A 42 -7.73 -2.49 5.34
C ILE A 42 -8.96 -1.70 4.93
N TRP A 43 -8.81 -0.36 4.81
CA TRP A 43 -9.90 0.51 4.35
C TRP A 43 -9.62 1.16 3.00
N VAL A 44 -10.68 1.55 2.30
CA VAL A 44 -10.57 2.21 1.00
C VAL A 44 -11.35 3.51 1.08
N ILE A 45 -10.67 4.63 0.83
CA ILE A 45 -11.30 5.94 0.81
C ILE A 45 -11.36 6.44 -0.62
N PRO A 46 -12.54 6.33 -1.30
CA PRO A 46 -12.67 6.86 -2.66
C PRO A 46 -12.80 8.38 -2.68
N GLU A 47 -11.71 9.08 -2.41
CA GLU A 47 -11.65 10.54 -2.34
C GLU A 47 -10.27 10.97 -2.79
N ARG A 48 -10.16 12.19 -3.31
CA ARG A 48 -8.88 12.75 -3.65
C ARG A 48 -8.18 13.02 -2.33
N ASP A 49 -6.91 12.65 -2.27
CA ASP A 49 -6.19 12.80 -1.04
C ASP A 49 -5.78 14.21 -0.71
N THR A 50 -6.65 14.93 0.01
CA THR A 50 -6.39 16.28 0.49
C THR A 50 -6.38 16.26 2.02
N PHE A 51 -6.25 15.05 2.62
CA PHE A 51 -6.31 14.84 4.08
C PHE A 51 -4.99 14.46 4.72
N THR A 52 -4.23 13.57 4.09
CA THR A 52 -2.99 13.08 4.68
C THR A 52 -1.96 14.14 4.88
N ASN A 53 -1.98 15.16 4.05
CA ASN A 53 -1.06 16.30 4.16
C ASN A 53 -1.76 17.64 3.92
N PRO A 54 -2.49 18.17 4.91
CA PRO A 54 -3.26 19.41 4.66
C PRO A 54 -2.53 20.53 3.89
N GLU A 55 -1.17 20.50 3.84
CA GLU A 55 -0.36 21.46 3.06
C GLU A 55 -0.67 21.26 1.57
N GLU A 56 -0.72 20.01 1.11
CA GLU A 56 -1.19 19.68 -0.24
C GLU A 56 -2.67 19.31 -0.36
N GLY A 57 -3.54 20.27 -0.09
CA GLY A 57 -5.00 20.20 -0.17
C GLY A 57 -5.58 20.85 -1.41
N ASP A 58 -4.72 21.44 -2.27
CA ASP A 58 -5.09 22.11 -3.53
C ASP A 58 -4.88 21.15 -4.70
N LEU A 59 -5.91 20.97 -5.54
CA LEU A 59 -5.82 20.03 -6.67
C LEU A 59 -5.45 20.72 -8.00
N ASN A 60 -5.12 22.01 -7.91
CA ASN A 60 -4.67 22.80 -9.05
C ASN A 60 -3.22 22.40 -9.42
N PRO A 61 -2.85 22.50 -10.72
CA PRO A 61 -1.48 22.13 -11.12
C PRO A 61 -0.44 23.20 -10.75
N PRO A 62 0.87 22.83 -10.65
CA PRO A 62 1.90 23.85 -10.29
C PRO A 62 2.09 24.99 -11.30
N ALA A 65 5.86 22.41 -14.53
CA ALA A 65 5.52 20.99 -14.56
C ALA A 65 6.68 20.12 -14.10
N LYS A 66 6.37 18.97 -13.48
CA LYS A 66 7.39 18.01 -13.03
C LYS A 66 8.00 17.31 -14.26
N GLN A 67 9.31 17.55 -14.52
CA GLN A 67 10.07 17.01 -15.66
C GLN A 67 9.94 15.48 -15.80
N VAL A 68 10.37 14.74 -14.76
CA VAL A 68 10.27 13.28 -14.68
C VAL A 68 9.85 12.87 -13.26
N PRO A 69 8.93 11.90 -13.07
CA PRO A 69 8.21 11.11 -14.09
C PRO A 69 7.13 11.93 -14.77
N VAL A 70 6.35 11.30 -15.67
CA VAL A 70 5.24 11.98 -16.36
C VAL A 70 4.15 12.31 -15.32
N SER A 71 3.42 13.44 -15.49
CA SER A 71 2.38 13.88 -14.56
C SER A 71 1.05 14.17 -15.29
N TYR A 72 -0.08 14.15 -14.57
CA TYR A 72 -1.43 14.44 -15.11
C TYR A 72 -2.27 15.13 -14.03
N TYR A 73 -3.05 16.13 -14.42
CA TYR A 73 -3.87 16.94 -13.52
C TYR A 73 -5.28 17.07 -14.05
N ASP A 74 -6.21 16.75 -13.16
CA ASP A 74 -7.62 17.02 -13.29
C ASP A 74 -8.05 17.36 -11.87
N SER A 75 -8.71 18.50 -11.70
CA SER A 75 -9.25 18.90 -10.41
C SER A 75 -10.64 18.32 -10.13
N THR A 76 -11.25 17.73 -11.16
CA THR A 76 -12.59 17.14 -11.09
C THR A 76 -12.62 15.64 -10.99
N TYR A 77 -11.52 14.94 -11.35
CA TYR A 77 -11.48 13.48 -11.24
C TYR A 77 -11.73 13.07 -9.77
N LEU A 78 -12.59 12.05 -9.58
CA LEU A 78 -12.97 11.48 -8.29
C LEU A 78 -13.81 12.43 -7.42
N SER A 79 -14.71 13.21 -8.05
CA SER A 79 -15.61 14.13 -7.34
C SER A 79 -17.06 13.68 -7.40
N THR A 80 -17.42 12.81 -8.36
CA THR A 80 -18.81 12.33 -8.49
C THR A 80 -18.92 10.98 -7.81
N ASP A 81 -20.12 10.67 -7.29
CA ASP A 81 -20.46 9.41 -6.62
C ASP A 81 -20.18 8.21 -7.53
N ASN A 82 -20.46 8.36 -8.83
CA ASN A 82 -20.26 7.33 -9.83
C ASN A 82 -18.77 7.02 -10.02
N GLU A 83 -17.91 8.06 -9.99
CA GLU A 83 -16.45 7.88 -10.10
C GLU A 83 -15.92 7.18 -8.89
N LYS A 84 -16.45 7.55 -7.71
CA LYS A 84 -16.12 7.00 -6.40
C LYS A 84 -16.53 5.54 -6.32
N ASP A 85 -17.64 5.16 -6.98
CA ASP A 85 -18.15 3.79 -7.09
C ASP A 85 -17.20 2.98 -7.95
N ASN A 86 -16.87 3.49 -9.13
CA ASN A 86 -15.95 2.86 -10.08
C ASN A 86 -14.56 2.70 -9.49
N TYR A 87 -14.10 3.71 -8.73
CA TYR A 87 -12.83 3.71 -8.01
C TYR A 87 -12.79 2.53 -7.07
N LEU A 88 -13.80 2.44 -6.18
CA LEU A 88 -13.99 1.39 -5.18
C LEU A 88 -13.99 0.00 -5.84
N LYS A 89 -14.77 -0.18 -6.92
CA LYS A 89 -14.86 -1.44 -7.68
C LYS A 89 -13.54 -1.78 -8.38
N GLY A 90 -12.85 -0.75 -8.87
CA GLY A 90 -11.56 -0.85 -9.54
C GLY A 90 -10.45 -1.32 -8.62
N VAL A 91 -10.41 -0.78 -7.39
CA VAL A 91 -9.44 -1.11 -6.35
C VAL A 91 -9.69 -2.51 -5.82
N THR A 92 -10.97 -2.87 -5.65
CA THR A 92 -11.40 -4.17 -5.16
C THR A 92 -10.95 -5.25 -6.15
N LYS A 93 -11.20 -5.00 -7.45
CA LYS A 93 -10.80 -5.91 -8.52
C LYS A 93 -9.30 -6.14 -8.52
N LEU A 94 -8.52 -5.06 -8.34
CA LEU A 94 -7.06 -5.18 -8.28
C LEU A 94 -6.57 -5.93 -7.04
N PHE A 95 -7.28 -5.79 -5.91
CA PHE A 95 -6.97 -6.56 -4.70
C PHE A 95 -7.20 -8.05 -4.97
N GLU A 96 -8.30 -8.38 -5.67
CA GLU A 96 -8.62 -9.75 -6.04
C GLU A 96 -7.62 -10.29 -7.05
N ARG A 97 -7.09 -9.43 -7.94
CA ARG A 97 -6.09 -9.79 -8.94
C ARG A 97 -4.76 -10.19 -8.26
N ILE A 98 -4.32 -9.37 -7.27
CA ILE A 98 -3.14 -9.64 -6.47
C ILE A 98 -3.33 -10.98 -5.70
N TYR A 99 -4.48 -11.13 -5.01
CA TYR A 99 -4.85 -12.31 -4.23
C TYR A 99 -4.93 -13.60 -5.05
N SER A 100 -5.27 -13.49 -6.35
CA SER A 100 -5.36 -14.64 -7.26
C SER A 100 -4.01 -15.34 -7.45
N THR A 101 -2.89 -14.63 -7.15
CA THR A 101 -1.53 -15.16 -7.22
C THR A 101 -1.11 -15.65 -5.82
N ASP A 102 -0.21 -16.66 -5.79
CA ASP A 102 0.33 -17.22 -4.54
C ASP A 102 1.19 -16.18 -3.82
N LEU A 103 1.95 -15.36 -4.60
CA LEU A 103 2.81 -14.28 -4.11
C LEU A 103 1.95 -13.18 -3.54
N GLY A 104 0.85 -12.86 -4.23
CA GLY A 104 -0.11 -11.85 -3.80
C GLY A 104 -0.86 -12.25 -2.55
N ARG A 105 -1.32 -13.51 -2.49
CA ARG A 105 -2.00 -14.09 -1.32
C ARG A 105 -1.07 -13.95 -0.13
N MET A 106 0.23 -14.27 -0.31
CA MET A 106 1.25 -14.18 0.72
C MET A 106 1.43 -12.76 1.21
N LEU A 107 1.70 -11.79 0.29
CA LEU A 107 1.90 -10.39 0.65
C LEU A 107 0.73 -9.78 1.43
N LEU A 108 -0.53 -10.00 0.98
CA LEU A 108 -1.72 -9.45 1.67
C LEU A 108 -1.87 -10.01 3.09
N THR A 109 -1.55 -11.29 3.26
CA THR A 109 -1.58 -11.96 4.56
C THR A 109 -0.50 -11.33 5.46
N SER A 110 0.70 -11.07 4.91
CA SER A 110 1.80 -10.42 5.63
C SER A 110 1.39 -8.99 6.03
N ILE A 111 0.65 -8.27 5.15
CA ILE A 111 0.18 -6.91 5.41
C ILE A 111 -0.81 -6.91 6.58
N VAL A 112 -1.81 -7.82 6.56
CA VAL A 112 -2.87 -7.94 7.58
C VAL A 112 -2.32 -8.26 8.98
N ARG A 113 -1.28 -9.07 9.03
CA ARG A 113 -0.60 -9.46 10.26
C ARG A 113 0.32 -8.34 10.77
N GLY A 114 0.71 -7.44 9.87
CA GLY A 114 1.64 -6.36 10.16
C GLY A 114 1.09 -5.22 11.00
N ILE A 115 0.36 -5.53 12.10
CA ILE A 115 -0.22 -4.56 13.04
C ILE A 115 0.90 -3.63 13.58
N PRO A 116 0.76 -2.29 13.46
CA PRO A 116 1.81 -1.39 14.01
C PRO A 116 1.99 -1.56 15.52
N PHE A 117 3.25 -1.66 15.99
CA PHE A 117 3.59 -1.85 17.41
C PHE A 117 2.96 -0.85 18.37
N TRP A 118 2.55 -1.36 19.54
CA TRP A 118 1.97 -0.58 20.62
C TRP A 118 3.10 0.06 21.46
N GLY A 119 3.75 1.05 20.85
CA GLY A 119 4.87 1.77 21.44
C GLY A 119 4.53 3.20 21.81
N GLY A 120 3.26 3.47 22.05
CA GLY A 120 2.78 4.80 22.39
C GLY A 120 2.90 5.27 23.81
N SER A 121 3.29 4.39 24.76
CA SER A 121 3.37 4.84 26.16
C SER A 121 4.68 5.51 26.59
N THR A 122 4.55 6.38 27.63
CA THR A 122 5.64 7.11 28.28
C THR A 122 6.40 6.14 29.18
N ILE A 123 5.66 5.18 29.80
CA ILE A 123 6.18 4.13 30.69
C ILE A 123 6.64 2.92 29.85
N ASP A 124 7.96 2.61 29.87
CA ASP A 124 8.58 1.50 29.10
C ASP A 124 8.08 0.08 29.41
N THR A 125 7.28 -0.03 30.46
CA THR A 125 6.67 -1.28 30.87
C THR A 125 5.21 -1.39 30.52
N GLU A 126 4.71 -0.38 29.83
CA GLU A 126 3.30 -0.28 29.44
C GLU A 126 3.13 -0.29 27.92
N LEU A 127 2.18 -1.10 27.41
CA LEU A 127 1.86 -1.11 26.00
C LEU A 127 0.69 -0.16 25.79
N LYS A 128 0.73 0.58 24.67
CA LYS A 128 -0.29 1.53 24.29
C LYS A 128 -0.20 1.75 22.81
N VAL A 129 -1.37 1.70 22.15
CA VAL A 129 -1.49 1.94 20.71
C VAL A 129 -1.07 3.40 20.48
N ILE A 130 -0.57 3.70 19.27
CA ILE A 130 -0.23 5.07 18.87
C ILE A 130 -1.43 5.56 18.06
N ASP A 131 -2.00 6.71 18.46
CA ASP A 131 -3.17 7.32 17.81
C ASP A 131 -3.13 7.41 16.29
N THR A 132 -1.97 7.69 15.73
CA THR A 132 -1.79 7.82 14.30
C THR A 132 -1.96 6.51 13.54
N ASN A 133 -2.04 5.41 14.27
CA ASN A 133 -2.26 4.07 13.70
C ASN A 133 -3.73 3.66 13.73
N CYS A 134 -4.61 4.64 13.99
CA CYS A 134 -6.05 4.44 14.10
C CYS A 134 -6.86 5.37 13.17
N ILE A 135 -8.14 5.06 13.00
CA ILE A 135 -9.10 5.93 12.34
C ILE A 135 -10.22 6.15 13.34
N ASN A 136 -10.89 7.30 13.23
CA ASN A 136 -12.04 7.63 14.06
C ASN A 136 -13.27 7.36 13.24
N VAL A 137 -14.09 6.39 13.71
CA VAL A 137 -15.32 5.96 13.05
C VAL A 137 -16.51 6.59 13.73
N ILE A 138 -17.37 7.29 12.96
CA ILE A 138 -18.57 7.93 13.49
C ILE A 138 -19.58 6.89 13.94
N GLN A 139 -20.31 7.20 15.02
CA GLN A 139 -21.36 6.37 15.56
C GLN A 139 -22.71 7.09 15.37
N PRO A 140 -23.89 6.42 15.57
CA PRO A 140 -25.18 7.11 15.35
C PRO A 140 -25.41 8.39 16.15
N ASP A 141 -24.78 8.53 17.33
CA ASP A 141 -24.92 9.69 18.23
C ASP A 141 -23.92 10.83 17.91
N GLY A 142 -23.08 10.62 16.88
CA GLY A 142 -22.11 11.61 16.43
C GLY A 142 -20.77 11.56 17.12
N SER A 143 -20.64 10.69 18.14
CA SER A 143 -19.37 10.49 18.81
C SER A 143 -18.49 9.62 17.92
N TYR A 144 -17.20 9.59 18.21
CA TYR A 144 -16.26 8.81 17.42
C TYR A 144 -15.68 7.69 18.20
N ARG A 145 -15.53 6.53 17.57
CA ARG A 145 -14.85 5.38 18.17
C ARG A 145 -13.54 5.12 17.41
N SER A 146 -12.46 4.88 18.17
CA SER A 146 -11.13 4.64 17.65
C SER A 146 -11.00 3.22 17.13
N GLU A 147 -10.62 3.06 15.85
CA GLU A 147 -10.40 1.76 15.22
C GLU A 147 -8.96 1.64 14.66
N GLU A 148 -8.31 0.54 15.04
CA GLU A 148 -6.98 0.20 14.61
C GLU A 148 -7.07 -0.31 13.16
N LEU A 149 -6.03 0.03 12.38
CA LEU A 149 -5.94 -0.38 10.98
C LEU A 149 -4.48 -0.47 10.53
N ASN A 150 -4.25 -1.22 9.46
CA ASN A 150 -2.91 -1.38 8.87
C ASN A 150 -2.77 -0.63 7.57
N LEU A 151 -3.85 -0.58 6.78
CA LEU A 151 -3.77 -0.02 5.45
C LEU A 151 -4.98 0.81 5.00
N VAL A 152 -4.68 1.90 4.29
CA VAL A 152 -5.71 2.73 3.67
C VAL A 152 -5.27 2.91 2.21
N ILE A 153 -6.22 2.69 1.31
CA ILE A 153 -6.07 3.00 -0.10
C ILE A 153 -6.82 4.28 -0.24
N ILE A 154 -6.16 5.30 -0.76
CA ILE A 154 -6.79 6.59 -0.96
C ILE A 154 -6.56 7.06 -2.38
N GLY A 155 -7.48 7.87 -2.93
CA GLY A 155 -7.31 8.40 -4.27
C GLY A 155 -6.13 9.35 -4.35
N PRO A 156 -5.61 9.66 -5.55
CA PRO A 156 -4.45 10.56 -5.63
C PRO A 156 -4.73 11.99 -5.19
N SER A 157 -3.66 12.74 -4.89
CA SER A 157 -3.71 14.14 -4.56
C SER A 157 -3.69 14.94 -5.92
N ALA A 158 -3.01 16.11 -6.01
CA ALA A 158 -3.00 16.93 -7.25
C ALA A 158 -2.56 16.19 -8.51
N ASP A 159 -1.33 15.63 -8.51
CA ASP A 159 -0.83 14.84 -9.65
C ASP A 159 -1.56 13.51 -9.57
N ILE A 160 -2.49 13.33 -10.49
CA ILE A 160 -3.35 12.15 -10.52
C ILE A 160 -2.61 10.83 -10.65
N ILE A 161 -1.43 10.84 -11.28
CA ILE A 161 -0.67 9.60 -11.53
C ILE A 161 0.50 9.40 -10.60
N GLN A 162 0.69 10.26 -9.62
CA GLN A 162 1.72 10.19 -8.60
CA GLN A 162 1.76 10.09 -8.66
C GLN A 162 1.16 9.28 -7.52
N PHE A 163 1.70 8.08 -7.44
CA PHE A 163 1.29 7.07 -6.49
C PHE A 163 2.37 6.86 -5.47
N GLU A 164 1.99 6.71 -4.18
CA GLU A 164 2.98 6.49 -3.14
C GLU A 164 2.42 5.79 -1.90
N CYS A 165 3.32 5.27 -1.08
CA CYS A 165 2.91 4.68 0.19
C CYS A 165 3.51 5.58 1.20
N LYS A 166 2.66 6.26 1.95
CA LYS A 166 3.06 7.22 2.97
C LYS A 166 2.34 6.92 4.30
N SER A 167 2.77 7.58 5.37
CA SER A 167 2.22 7.40 6.72
C SER A 167 2.52 8.54 7.68
N PHE A 168 1.71 8.68 8.74
CA PHE A 168 1.92 9.70 9.76
C PHE A 168 3.08 9.34 10.65
N GLY A 169 4.00 10.30 10.82
CA GLY A 169 5.19 10.10 11.65
C GLY A 169 4.98 10.36 13.13
N HIS A 170 6.03 10.09 13.91
CA HIS A 170 6.09 10.29 15.36
C HIS A 170 7.15 11.37 15.67
N GLU A 171 6.99 12.12 16.78
CA GLU A 171 7.90 13.20 17.19
C GLU A 171 9.28 12.71 17.58
N VAL A 172 9.34 11.53 18.17
CA VAL A 172 10.59 10.92 18.58
C VAL A 172 10.98 9.73 17.69
N LEU A 173 10.03 8.80 17.46
CA LEU A 173 10.20 7.54 16.75
C LEU A 173 10.15 7.60 15.22
N ASN A 174 10.99 6.77 14.56
CA ASN A 174 11.04 6.62 13.10
C ASN A 174 10.34 5.29 12.86
N LEU A 175 9.01 5.32 12.84
CA LEU A 175 8.22 4.09 12.89
C LEU A 175 8.50 3.13 11.73
N THR A 176 8.68 3.67 10.54
CA THR A 176 8.94 2.83 9.37
C THR A 176 10.40 2.30 9.33
N ARG A 177 11.30 2.72 10.28
CA ARG A 177 12.72 2.31 10.30
C ARG A 177 13.25 1.79 11.67
N ASN A 178 12.35 1.63 12.65
CA ASN A 178 12.64 1.15 14.00
C ASN A 178 11.98 -0.22 14.30
N GLY A 179 11.34 -0.83 13.29
CA GLY A 179 10.68 -2.12 13.42
C GLY A 179 9.22 -2.05 13.83
N TYR A 180 8.80 -0.89 14.35
CA TYR A 180 7.43 -0.69 14.85
C TYR A 180 6.37 -0.79 13.77
N GLY A 181 6.57 -0.08 12.68
CA GLY A 181 5.57 0.01 11.64
C GLY A 181 4.52 1.02 12.00
N SER A 182 3.85 1.55 11.00
CA SER A 182 2.79 2.53 11.20
C SER A 182 1.74 2.26 10.15
N THR A 183 0.48 2.73 10.34
CA THR A 183 -0.59 2.57 9.35
C THR A 183 -0.15 3.24 8.03
N GLN A 184 -0.29 2.52 6.90
CA GLN A 184 0.13 3.00 5.60
C GLN A 184 -1.05 3.52 4.77
N TYR A 185 -0.81 4.66 4.09
CA TYR A 185 -1.78 5.30 3.20
C TYR A 185 -1.19 5.26 1.81
N ILE A 186 -1.85 4.52 0.92
CA ILE A 186 -1.43 4.42 -0.45
C ILE A 186 -2.29 5.35 -1.31
N ARG A 187 -1.67 6.37 -1.94
CA ARG A 187 -2.33 7.26 -2.93
C ARG A 187 -2.24 6.42 -4.20
N PHE A 188 -3.39 6.11 -4.80
CA PHE A 188 -3.45 5.23 -5.97
C PHE A 188 -4.76 5.40 -6.69
N SER A 189 -4.73 5.21 -8.00
CA SER A 189 -5.92 5.27 -8.82
C SER A 189 -5.91 4.10 -9.77
N PRO A 190 -7.05 3.37 -9.86
CA PRO A 190 -7.13 2.28 -10.84
C PRO A 190 -7.56 2.81 -12.21
N ASP A 191 -7.92 4.11 -12.29
CA ASP A 191 -8.52 4.78 -13.45
C ASP A 191 -7.60 5.33 -14.50
N PHE A 192 -6.31 5.17 -14.31
CA PHE A 192 -5.30 5.67 -15.22
C PHE A 192 -4.12 4.71 -15.13
N THR A 193 -3.27 4.69 -16.18
CA THR A 193 -2.03 3.93 -16.22
C THR A 193 -0.97 4.61 -17.11
N PHE A 194 0.28 4.10 -17.05
CA PHE A 194 1.46 4.57 -17.77
C PHE A 194 1.78 3.62 -18.87
N GLY A 195 2.33 4.20 -19.93
CA GLY A 195 2.80 3.50 -21.12
C GLY A 195 4.31 3.56 -21.15
N PHE A 196 4.93 2.48 -21.62
CA PHE A 196 6.38 2.35 -21.76
C PHE A 196 6.68 1.82 -23.14
N GLU A 197 7.98 1.69 -23.50
CA GLU A 197 8.32 1.16 -24.82
C GLU A 197 9.13 -0.10 -24.73
N GLU A 198 8.85 -1.06 -25.63
CA GLU A 198 9.55 -2.34 -25.82
C GLU A 198 9.10 -3.07 -27.07
N GLY A 211 6.86 -0.08 -30.61
CA GLY A 211 6.16 -0.97 -29.68
C GLY A 211 5.69 -0.26 -28.44
N LYS A 212 4.37 0.05 -28.36
CA LYS A 212 3.88 0.87 -27.26
C LYS A 212 2.92 0.17 -26.29
N PHE A 213 3.33 -0.10 -25.12
CA PHE A 213 2.56 -0.89 -24.15
C PHE A 213 2.13 -0.15 -22.89
N ALA A 214 1.08 -0.64 -22.21
CA ALA A 214 0.60 -0.03 -20.97
C ALA A 214 0.89 -0.89 -19.75
N THR A 215 1.23 -0.23 -18.62
CA THR A 215 1.49 -0.86 -17.33
C THR A 215 0.18 -1.41 -16.76
N ASP A 216 0.18 -2.68 -16.34
CA ASP A 216 -0.99 -3.29 -15.71
C ASP A 216 -1.16 -2.66 -14.30
N PRO A 217 -2.31 -1.97 -14.01
CA PRO A 217 -2.49 -1.33 -12.69
C PRO A 217 -2.35 -2.24 -11.47
N ALA A 218 -2.46 -3.57 -11.66
CA ALA A 218 -2.27 -4.53 -10.59
C ALA A 218 -0.79 -4.60 -10.23
N VAL A 219 0.09 -4.28 -11.19
CA VAL A 219 1.54 -4.29 -10.94
C VAL A 219 1.89 -3.04 -10.09
N THR A 220 1.36 -1.87 -10.51
CA THR A 220 1.46 -0.60 -9.82
C THR A 220 0.90 -0.75 -8.39
N LEU A 221 -0.28 -1.40 -8.24
CA LEU A 221 -0.80 -1.59 -6.90
C LEU A 221 0.08 -2.52 -6.09
N ALA A 222 0.53 -3.64 -6.68
CA ALA A 222 1.42 -4.57 -5.96
C ALA A 222 2.69 -3.85 -5.50
N HIS A 223 3.20 -2.91 -6.32
CA HIS A 223 4.40 -2.10 -6.01
C HIS A 223 4.19 -1.35 -4.69
N GLU A 224 3.07 -0.65 -4.57
CA GLU A 224 2.73 0.14 -3.40
C GLU A 224 2.49 -0.70 -2.16
N LEU A 225 1.91 -1.90 -2.33
CA LEU A 225 1.67 -2.82 -1.24
C LEU A 225 3.01 -3.38 -0.80
N ILE A 226 4.05 -3.39 -1.68
CA ILE A 226 5.38 -3.85 -1.28
C ILE A 226 5.98 -2.83 -0.34
N HIS A 227 5.92 -1.52 -0.69
CA HIS A 227 6.36 -0.45 0.24
C HIS A 227 5.59 -0.57 1.57
N ALA A 228 4.23 -0.76 1.50
CA ALA A 228 3.35 -0.91 2.67
C ALA A 228 3.87 -2.04 3.57
N GLY A 229 4.22 -3.19 2.96
CA GLY A 229 4.80 -4.34 3.64
C GLY A 229 6.06 -4.00 4.41
N HIS A 230 6.98 -3.22 3.79
CA HIS A 230 8.24 -2.80 4.41
C HIS A 230 8.00 -1.88 5.58
N ARG A 231 7.16 -0.87 5.37
CA ARG A 231 6.83 0.17 6.34
C ARG A 231 5.98 -0.31 7.50
N LEU A 232 5.17 -1.37 7.31
CA LEU A 232 4.33 -1.97 8.35
C LEU A 232 5.21 -2.78 9.31
N TYR A 233 6.31 -3.33 8.79
CA TYR A 233 7.27 -4.14 9.57
C TYR A 233 8.48 -3.33 10.05
N GLY A 234 8.43 -2.01 9.86
CA GLY A 234 9.45 -1.04 10.27
C GLY A 234 10.84 -1.27 9.72
N ILE A 235 10.93 -1.77 8.47
CA ILE A 235 12.18 -2.13 7.76
C ILE A 235 12.41 -1.33 6.47
N ALA A 236 11.78 -0.15 6.33
CA ALA A 236 11.94 0.67 5.14
C ALA A 236 13.36 1.24 5.12
N ILE A 237 13.96 1.40 3.92
CA ILE A 237 15.29 1.98 3.79
C ILE A 237 15.13 3.49 3.77
N ASN A 238 15.87 4.21 4.64
CA ASN A 238 15.85 5.68 4.74
C ASN A 238 15.84 6.33 3.35
N PRO A 239 14.90 7.25 3.06
CA PRO A 239 14.84 7.85 1.70
C PRO A 239 16.04 8.72 1.30
N ASN A 240 16.92 9.07 2.28
CA ASN A 240 18.15 9.84 2.02
C ASN A 240 19.30 8.92 1.56
N ARG A 241 19.01 7.62 1.41
CA ARG A 241 19.91 6.60 0.89
C ARG A 241 19.51 6.38 -0.58
N VAL A 242 20.24 7.01 -1.50
CA VAL A 242 19.97 6.98 -2.96
C VAL A 242 21.10 6.34 -3.80
N PHE A 243 21.01 6.43 -5.15
CA PHE A 243 22.00 5.90 -6.10
C PHE A 243 22.45 7.01 -7.05
N GLU A 257 19.60 9.25 -9.67
CA GLU A 257 18.93 9.60 -8.41
C GLU A 257 17.73 8.68 -8.05
N VAL A 258 18.04 7.51 -7.48
CA VAL A 258 16.99 6.56 -7.09
C VAL A 258 17.28 5.93 -5.74
N SER A 259 16.30 6.00 -4.82
CA SER A 259 16.41 5.44 -3.46
C SER A 259 16.59 3.92 -3.47
N PHE A 260 17.30 3.39 -2.47
CA PHE A 260 17.48 1.94 -2.33
C PHE A 260 16.13 1.24 -2.12
N GLU A 261 15.19 1.89 -1.38
CA GLU A 261 13.84 1.42 -1.13
C GLU A 261 13.09 1.18 -2.43
N GLU A 262 13.22 2.10 -3.40
CA GLU A 262 12.60 1.99 -4.71
C GLU A 262 13.21 0.85 -5.55
N LEU A 263 14.56 0.73 -5.57
CA LEU A 263 15.30 -0.31 -6.31
C LEU A 263 14.91 -1.71 -5.81
N ARG A 264 14.83 -1.85 -4.47
CA ARG A 264 14.44 -3.05 -3.75
C ARG A 264 12.99 -3.45 -4.11
N THR A 265 12.06 -2.47 -4.13
CA THR A 265 10.64 -2.70 -4.40
C THR A 265 10.41 -3.19 -5.82
N PHE A 266 11.10 -2.59 -6.79
CA PHE A 266 11.04 -2.95 -8.20
C PHE A 266 11.66 -4.34 -8.44
N GLY A 267 12.80 -4.59 -7.81
CA GLY A 267 13.49 -5.85 -7.92
C GLY A 267 14.20 -6.03 -9.24
N GLY A 268 14.38 -7.30 -9.60
CA GLY A 268 15.08 -7.71 -10.81
C GLY A 268 16.51 -7.20 -10.81
N HIS A 269 16.98 -6.78 -11.99
CA HIS A 269 18.34 -6.26 -12.20
C HIS A 269 18.65 -5.00 -11.37
N ASP A 270 17.65 -4.13 -11.21
CA ASP A 270 17.77 -2.89 -10.49
C ASP A 270 18.08 -3.08 -9.00
N ALA A 271 17.54 -4.15 -8.37
CA ALA A 271 17.74 -4.42 -6.94
C ALA A 271 19.19 -4.77 -6.66
N LYS A 272 19.86 -5.40 -7.65
CA LYS A 272 21.26 -5.80 -7.57
C LYS A 272 22.26 -4.63 -7.61
N PHE A 273 21.74 -3.38 -7.73
CA PHE A 273 22.53 -2.14 -7.67
C PHE A 273 22.77 -1.73 -6.20
N ILE A 274 22.17 -2.49 -5.26
CA ILE A 274 22.34 -2.37 -3.82
C ILE A 274 23.35 -3.47 -3.51
N ASP A 275 24.54 -3.07 -3.04
CA ASP A 275 25.60 -4.04 -2.78
C ASP A 275 25.28 -4.97 -1.60
N SER A 276 25.93 -6.16 -1.61
CA SER A 276 25.83 -7.23 -0.63
C SER A 276 26.09 -6.71 0.80
N LEU A 277 27.12 -5.84 0.97
CA LEU A 277 27.48 -5.27 2.27
C LEU A 277 26.43 -4.29 2.84
N GLN A 278 25.78 -3.45 1.98
CA GLN A 278 24.73 -2.54 2.47
C GLN A 278 23.50 -3.36 2.89
N GLU A 279 23.22 -4.45 2.16
CA GLU A 279 22.14 -5.42 2.36
C GLU A 279 22.29 -6.15 3.70
N ASN A 280 23.53 -6.59 4.04
CA ASN A 280 23.83 -7.28 5.30
C ASN A 280 23.68 -6.32 6.47
N GLU A 281 24.16 -5.06 6.30
CA GLU A 281 24.09 -3.95 7.26
C GLU A 281 22.63 -3.65 7.64
N PHE A 282 21.71 -3.73 6.66
CA PHE A 282 20.28 -3.51 6.87
C PHE A 282 19.68 -4.73 7.56
N ARG A 283 20.01 -5.95 7.07
CA ARG A 283 19.55 -7.22 7.62
C ARG A 283 19.86 -7.33 9.12
N LEU A 284 21.08 -6.92 9.52
CA LEU A 284 21.54 -6.93 10.90
C LEU A 284 20.91 -5.82 11.74
N TYR A 285 20.73 -4.62 11.17
CA TYR A 285 20.09 -3.48 11.82
C TYR A 285 18.63 -3.84 12.20
N TYR A 286 17.96 -4.61 11.33
CA TYR A 286 16.58 -5.01 11.61
C TYR A 286 16.43 -6.24 12.50
N TYR A 287 17.47 -7.11 12.58
CA TYR A 287 17.48 -8.25 13.50
C TYR A 287 17.55 -7.64 14.90
N ASN A 288 18.35 -6.55 15.03
CA ASN A 288 18.51 -5.80 16.28
C ASN A 288 17.25 -5.03 16.68
N LYS A 289 16.52 -4.44 15.74
CA LYS A 289 15.30 -3.70 16.07
C LYS A 289 14.18 -4.65 16.49
N PHE A 290 14.20 -5.88 15.94
CA PHE A 290 13.28 -6.96 16.28
C PHE A 290 13.63 -7.50 17.68
N LYS A 291 14.94 -7.45 18.05
CA LYS A 291 15.48 -7.86 19.35
C LYS A 291 14.95 -6.89 20.40
N ASP A 292 15.06 -5.56 20.12
CA ASP A 292 14.57 -4.49 21.00
C ASP A 292 13.06 -4.59 21.27
N ILE A 293 12.26 -4.92 20.23
CA ILE A 293 10.79 -5.08 20.32
C ILE A 293 10.48 -6.28 21.21
N ALA A 294 11.23 -7.40 21.01
CA ALA A 294 11.04 -8.62 21.78
C ALA A 294 11.31 -8.37 23.27
N SER A 295 12.30 -7.48 23.59
CA SER A 295 12.63 -7.13 24.98
C SER A 295 11.54 -6.22 25.58
N THR A 296 11.03 -5.24 24.80
CA THR A 296 9.95 -4.31 25.20
C THR A 296 8.71 -5.12 25.60
N LEU A 297 8.48 -6.25 24.88
CA LEU A 297 7.40 -7.20 25.13
C LEU A 297 7.63 -7.93 26.45
N ASN A 298 8.86 -8.42 26.66
CA ASN A 298 9.28 -9.14 27.86
C ASN A 298 9.23 -8.30 29.15
N LYS A 299 9.41 -6.97 29.06
CA LYS A 299 9.39 -6.01 30.18
C LYS A 299 7.98 -5.43 30.42
N ALA A 300 7.03 -5.68 29.49
CA ALA A 300 5.67 -5.13 29.60
C ALA A 300 4.92 -5.76 30.76
N LYS A 301 4.38 -4.91 31.67
CA LYS A 301 3.61 -5.33 32.87
C LYS A 301 2.16 -4.82 32.81
N SER A 302 1.88 -3.79 31.97
CA SER A 302 0.54 -3.22 31.83
C SER A 302 0.13 -2.88 30.37
N ILE A 303 -1.20 -2.64 30.19
CA ILE A 303 -1.77 -2.36 28.89
C ILE A 303 -2.95 -1.37 28.95
N VAL A 304 -2.96 -0.41 28.03
CA VAL A 304 -4.02 0.58 27.91
C VAL A 304 -5.07 0.06 26.89
N GLY A 305 -6.34 0.39 27.16
CA GLY A 305 -7.46 -0.03 26.33
C GLY A 305 -8.35 -1.03 27.02
N THR A 306 -9.62 -1.05 26.62
CA THR A 306 -10.64 -1.94 27.20
C THR A 306 -10.45 -3.36 26.66
N THR A 307 -10.76 -3.55 25.37
CA THR A 307 -10.58 -4.82 24.70
C THR A 307 -9.14 -4.92 24.20
N ALA A 308 -8.23 -5.09 25.14
CA ALA A 308 -6.80 -5.18 24.85
C ALA A 308 -6.07 -6.01 25.91
N SER A 309 -6.28 -7.32 25.94
CA SER A 309 -5.57 -8.15 26.89
C SER A 309 -4.06 -8.11 26.59
N LEU A 310 -3.24 -8.06 27.66
CA LEU A 310 -1.78 -8.00 27.48
C LEU A 310 -1.23 -9.24 26.76
N GLN A 311 -1.77 -10.42 27.08
CA GLN A 311 -1.36 -11.66 26.47
C GLN A 311 -1.89 -11.77 25.03
N TYR A 312 -3.02 -11.11 24.71
CA TYR A 312 -3.55 -11.11 23.36
C TYR A 312 -2.63 -10.29 22.46
N MET A 313 -2.23 -9.09 22.94
CA MET A 313 -1.35 -8.19 22.20
C MET A 313 0.08 -8.67 22.09
N LYS A 314 0.54 -9.48 23.04
CA LYS A 314 1.88 -10.06 23.01
C LYS A 314 1.87 -11.15 21.94
N ASN A 315 0.75 -11.89 21.81
CA ASN A 315 0.56 -12.92 20.77
C ASN A 315 0.43 -12.32 19.37
N VAL A 316 -0.20 -11.13 19.25
CA VAL A 316 -0.32 -10.40 17.97
C VAL A 316 1.11 -10.07 17.48
N PHE A 317 1.88 -9.45 18.32
CA PHE A 317 3.23 -9.16 17.97
C PHE A 317 4.08 -10.44 17.78
N LYS A 318 3.81 -11.48 18.57
CA LYS A 318 4.56 -12.73 18.43
C LYS A 318 4.33 -13.31 17.04
N GLU A 319 3.09 -13.23 16.58
CA GLU A 319 2.67 -13.65 15.24
C GLU A 319 3.20 -12.83 14.07
N LYS A 320 3.25 -11.54 14.29
CA LYS A 320 3.69 -10.55 13.31
C LYS A 320 5.21 -10.72 13.08
N TYR A 321 5.99 -10.62 14.18
CA TYR A 321 7.45 -10.68 14.13
C TYR A 321 8.02 -12.09 14.10
N LEU A 322 7.12 -13.11 14.02
CA LEU A 322 7.43 -14.55 13.99
C LEU A 322 8.40 -15.00 15.12
N LEU A 323 8.22 -14.41 16.31
CA LEU A 323 9.02 -14.66 17.53
C LEU A 323 8.84 -16.07 18.11
N SER A 324 9.86 -16.55 18.84
CA SER A 324 9.84 -17.86 19.52
C SER A 324 9.68 -17.73 21.05
N THR A 327 7.82 -22.19 27.12
CA THR A 327 7.23 -22.74 28.36
C THR A 327 7.03 -21.70 29.48
N SER A 328 7.76 -20.57 29.42
CA SER A 328 7.68 -19.48 30.40
C SER A 328 7.06 -18.15 29.92
N GLY A 329 6.89 -17.99 28.60
CA GLY A 329 6.28 -16.79 28.02
C GLY A 329 7.25 -15.74 27.52
N LYS A 330 8.57 -15.94 27.78
CA LYS A 330 9.64 -15.03 27.35
C LYS A 330 9.85 -15.17 25.81
N PHE A 331 9.89 -14.03 25.11
CA PHE A 331 10.04 -13.98 23.65
C PHE A 331 11.46 -13.86 23.14
N SER A 332 11.72 -14.48 21.98
CA SER A 332 13.04 -14.44 21.36
C SER A 332 12.97 -14.29 19.84
N VAL A 333 14.04 -13.81 19.24
CA VAL A 333 14.08 -13.73 17.79
C VAL A 333 14.89 -14.89 17.26
N ASP A 334 14.19 -15.82 16.59
CA ASP A 334 14.84 -16.94 15.91
C ASP A 334 15.51 -16.36 14.63
N LYS A 335 16.84 -16.55 14.47
CA LYS A 335 17.58 -16.00 13.32
C LYS A 335 17.14 -16.57 11.98
N LEU A 336 16.89 -17.89 11.92
CA LEU A 336 16.43 -18.55 10.69
C LEU A 336 15.02 -18.07 10.30
N LYS A 337 14.14 -17.81 11.29
CA LYS A 337 12.79 -17.28 11.07
C LYS A 337 12.86 -15.81 10.65
N PHE A 338 13.79 -15.04 11.28
CA PHE A 338 13.99 -13.63 11.00
C PHE A 338 14.43 -13.46 9.57
N ASP A 339 15.51 -14.17 9.22
CA ASP A 339 16.11 -14.10 7.89
C ASP A 339 15.11 -14.48 6.80
N LYS A 340 14.28 -15.53 7.05
CA LYS A 340 13.24 -16.00 6.13
C LYS A 340 12.18 -14.89 5.94
N LEU A 341 11.67 -14.33 7.05
CA LEU A 341 10.70 -13.23 7.05
C LEU A 341 11.27 -11.96 6.39
N TYR A 342 12.55 -11.63 6.69
CA TYR A 342 13.17 -10.42 6.16
C TYR A 342 13.32 -10.53 4.64
N LYS A 343 13.78 -11.70 4.15
CA LYS A 343 13.95 -11.96 2.72
C LYS A 343 12.61 -12.05 2.03
N MET A 344 11.59 -12.52 2.75
CA MET A 344 10.22 -12.60 2.26
C MET A 344 9.76 -11.20 1.86
N LEU A 345 9.88 -10.26 2.79
CA LEU A 345 9.43 -8.87 2.59
C LEU A 345 10.27 -8.04 1.62
N THR A 346 11.58 -8.30 1.57
CA THR A 346 12.51 -7.49 0.78
C THR A 346 12.91 -8.04 -0.57
N GLU A 347 12.87 -9.37 -0.78
CA GLU A 347 13.29 -10.01 -2.03
C GLU A 347 12.21 -10.84 -2.72
N ILE A 348 11.32 -11.49 -1.96
CA ILE A 348 10.30 -12.30 -2.61
C ILE A 348 9.19 -11.35 -3.04
N TYR A 349 8.74 -10.48 -2.12
CA TYR A 349 7.74 -9.47 -2.46
C TYR A 349 8.45 -8.34 -3.21
N THR A 350 8.54 -8.48 -4.54
CA THR A 350 9.15 -7.48 -5.45
C THR A 350 8.20 -7.30 -6.62
N GLU A 351 8.22 -6.12 -7.28
CA GLU A 351 7.37 -5.83 -8.44
C GLU A 351 7.72 -6.83 -9.56
N ASP A 352 9.01 -7.14 -9.74
CA ASP A 352 9.52 -8.07 -10.75
C ASP A 352 8.86 -9.46 -10.67
N ASN A 353 8.73 -10.02 -9.44
CA ASN A 353 8.12 -11.32 -9.24
C ASN A 353 6.61 -11.32 -9.49
N PHE A 354 5.96 -10.18 -9.23
CA PHE A 354 4.53 -10.03 -9.53
C PHE A 354 4.30 -9.99 -11.03
N VAL A 355 5.26 -9.42 -11.79
CA VAL A 355 5.25 -9.34 -13.25
C VAL A 355 5.26 -10.76 -13.81
N LYS A 356 6.20 -11.60 -13.32
CA LYS A 356 6.34 -13.04 -13.65
C LYS A 356 5.05 -13.80 -13.30
N PHE A 357 4.46 -13.55 -12.11
CA PHE A 357 3.21 -14.16 -11.66
C PHE A 357 1.98 -13.74 -12.47
N PHE A 358 1.82 -12.42 -12.76
CA PHE A 358 0.69 -11.90 -13.57
C PHE A 358 0.90 -12.24 -15.05
N LYS A 359 2.12 -12.63 -15.40
CA LYS A 359 2.44 -13.03 -16.78
C LYS A 359 2.18 -11.91 -17.79
N VAL A 360 2.54 -10.69 -17.40
CA VAL A 360 2.31 -9.49 -18.19
C VAL A 360 3.66 -8.86 -18.58
N LEU A 361 3.61 -7.86 -19.45
CA LEU A 361 4.79 -7.11 -19.86
C LEU A 361 4.90 -5.85 -18.97
N ASN A 362 6.12 -5.51 -18.57
CA ASN A 362 6.38 -4.34 -17.73
C ASN A 362 7.71 -3.75 -18.13
N ARG A 363 7.93 -2.47 -17.83
CA ARG A 363 9.21 -1.81 -18.14
C ARG A 363 10.41 -2.56 -17.48
N LYS A 364 11.59 -2.47 -18.07
CA LYS A 364 12.77 -3.20 -17.59
C LYS A 364 13.45 -2.62 -16.37
N THR A 365 13.36 -1.30 -16.19
CA THR A 365 13.99 -0.57 -15.09
C THR A 365 12.99 0.36 -14.42
N TYR A 366 13.22 0.69 -13.13
CA TYR A 366 12.36 1.58 -12.36
C TYR A 366 12.21 2.97 -13.02
N LEU A 367 13.34 3.60 -13.37
CA LEU A 367 13.39 4.90 -14.00
C LEU A 367 12.87 4.76 -15.43
N ASN A 368 11.90 5.59 -15.80
CA ASN A 368 11.32 5.53 -17.13
C ASN A 368 10.84 6.90 -17.56
N PHE A 369 11.38 7.39 -18.69
CA PHE A 369 11.08 8.71 -19.22
C PHE A 369 10.19 8.67 -20.47
N ASP A 370 9.40 7.61 -20.66
CA ASP A 370 8.58 7.50 -21.86
C ASP A 370 7.57 8.65 -22.02
N LYS A 371 7.01 9.11 -20.89
CA LYS A 371 5.97 10.15 -20.85
C LYS A 371 4.59 9.94 -21.53
N ALA A 372 3.95 8.80 -21.29
CA ALA A 372 2.64 8.47 -21.87
C ALA A 372 1.62 8.00 -20.79
N VAL A 373 0.51 8.74 -20.68
CA VAL A 373 -0.58 8.54 -19.70
C VAL A 373 -1.82 8.09 -20.45
N PHE A 374 -2.53 7.08 -19.91
CA PHE A 374 -3.76 6.56 -20.52
C PHE A 374 -4.91 6.45 -19.55
N LYS A 375 -6.11 6.89 -19.97
CA LYS A 375 -7.34 6.76 -19.18
C LYS A 375 -7.80 5.32 -19.38
N ILE A 376 -8.12 4.62 -18.30
CA ILE A 376 -8.53 3.24 -18.40
C ILE A 376 -9.80 2.96 -17.60
N ASN A 377 -10.53 1.92 -18.00
CA ASN A 377 -11.65 1.38 -17.25
C ASN A 377 -11.47 -0.15 -17.14
N ILE A 378 -10.98 -0.61 -15.99
CA ILE A 378 -10.71 -2.03 -15.70
C ILE A 378 -11.87 -2.72 -14.98
N VAL A 379 -12.94 -1.96 -14.66
CA VAL A 379 -14.12 -2.47 -13.96
C VAL A 379 -14.89 -3.54 -14.81
N PRO A 380 -15.25 -3.30 -16.11
CA PRO A 380 -15.96 -4.34 -16.87
C PRO A 380 -15.08 -5.55 -17.22
N LYS A 381 -15.64 -6.78 -17.09
CA LYS A 381 -14.99 -8.06 -17.39
C LYS A 381 -14.55 -8.10 -18.88
N VAL A 382 -15.26 -7.35 -19.73
CA VAL A 382 -15.03 -7.22 -21.16
C VAL A 382 -13.72 -6.47 -21.46
N ASN A 383 -13.25 -5.66 -20.47
CA ASN A 383 -12.06 -4.83 -20.56
C ASN A 383 -10.85 -5.38 -19.86
N TYR A 384 -11.04 -5.94 -18.66
CA TYR A 384 -9.96 -6.42 -17.80
C TYR A 384 -10.53 -7.47 -16.83
N THR A 385 -9.79 -8.57 -16.59
CA THR A 385 -10.24 -9.64 -15.68
C THR A 385 -9.23 -9.92 -14.59
N ILE A 386 -9.69 -10.44 -13.45
CA ILE A 386 -8.84 -10.82 -12.33
C ILE A 386 -7.74 -11.81 -12.79
N TYR A 387 -8.10 -12.74 -13.68
CA TYR A 387 -7.17 -13.76 -14.12
C TYR A 387 -6.18 -13.39 -15.22
N ASP A 388 -6.64 -12.68 -16.26
CA ASP A 388 -5.74 -12.35 -17.39
C ASP A 388 -5.32 -10.88 -17.48
N GLY A 389 -6.03 -10.00 -16.78
CA GLY A 389 -5.79 -8.56 -16.86
C GLY A 389 -6.36 -8.09 -18.18
N PHE A 390 -5.59 -7.28 -18.94
CA PHE A 390 -5.97 -6.78 -20.26
C PHE A 390 -5.74 -7.84 -21.34
N ASN A 391 -4.87 -8.81 -21.00
CA ASN A 391 -4.52 -9.93 -21.85
C ASN A 391 -5.52 -11.06 -21.71
N LEU A 392 -6.68 -10.81 -22.28
CA LEU A 392 -7.76 -11.75 -22.28
C LEU A 392 -7.43 -12.99 -23.09
N ARG A 393 -7.70 -14.15 -22.50
CA ARG A 393 -7.48 -15.46 -23.11
C ARG A 393 -8.48 -15.80 -24.21
N ASN A 394 -8.05 -16.61 -25.18
CA ASN A 394 -8.95 -17.09 -26.23
C ASN A 394 -9.40 -15.98 -27.17
N THR A 395 -8.66 -14.87 -27.11
CA THR A 395 -8.90 -13.68 -27.92
C THR A 395 -7.57 -13.09 -28.42
N ASN A 396 -7.65 -12.20 -29.42
CA ASN A 396 -6.51 -11.55 -30.09
C ASN A 396 -5.54 -10.87 -29.10
N LEU A 397 -5.99 -10.63 -27.86
CA LEU A 397 -5.22 -9.96 -26.83
C LEU A 397 -4.35 -10.87 -25.94
N ALA A 398 -4.64 -12.18 -25.92
CA ALA A 398 -3.90 -13.17 -25.13
C ALA A 398 -2.42 -13.29 -25.51
N ALA A 399 -2.12 -13.18 -26.82
CA ALA A 399 -0.77 -13.35 -27.36
C ALA A 399 0.04 -12.06 -27.42
N ASN A 400 1.36 -12.20 -27.18
CA ASN A 400 2.39 -11.15 -27.26
C ASN A 400 2.06 -9.85 -26.52
N PHE A 401 1.29 -9.95 -25.42
CA PHE A 401 0.85 -8.83 -24.57
C PHE A 401 0.01 -7.78 -25.34
N ASN A 402 -0.71 -8.21 -26.40
CA ASN A 402 -1.59 -7.38 -27.24
C ASN A 402 -2.65 -6.60 -26.44
N GLY A 403 -3.09 -7.16 -25.32
CA GLY A 403 -4.04 -6.53 -24.42
C GLY A 403 -3.48 -5.26 -23.82
N GLN A 404 -2.16 -5.28 -23.57
CA GLN A 404 -1.40 -4.15 -23.06
C GLN A 404 -0.89 -3.22 -24.19
N ASN A 405 -1.06 -3.63 -25.46
CA ASN A 405 -0.67 -2.81 -26.60
C ASN A 405 -1.72 -1.71 -26.77
N THR A 406 -1.30 -0.47 -26.53
CA THR A 406 -2.13 0.73 -26.60
C THR A 406 -2.66 1.06 -28.01
N GLU A 407 -2.10 0.39 -29.05
CA GLU A 407 -2.49 0.54 -30.43
C GLU A 407 -3.43 -0.59 -30.88
N ILE A 408 -3.13 -1.85 -30.51
CA ILE A 408 -3.97 -3.02 -30.80
C ILE A 408 -5.27 -2.93 -29.97
N ASN A 409 -5.14 -2.77 -28.65
CA ASN A 409 -6.25 -2.63 -27.72
C ASN A 409 -6.52 -1.13 -27.41
N ASN A 410 -6.51 -0.29 -28.46
CA ASN A 410 -6.69 1.19 -28.44
C ASN A 410 -7.98 1.69 -27.76
N MET A 411 -9.01 0.82 -27.69
CA MET A 411 -10.29 1.14 -27.06
C MET A 411 -10.19 1.10 -25.52
N ASN A 412 -9.20 0.36 -25.00
CA ASN A 412 -8.91 0.21 -23.57
C ASN A 412 -7.98 1.29 -23.00
N PHE A 413 -7.37 2.08 -23.88
CA PHE A 413 -6.43 3.11 -23.51
C PHE A 413 -6.67 4.37 -24.30
N THR A 414 -7.17 5.41 -23.65
CA THR A 414 -7.38 6.71 -24.25
C THR A 414 -6.19 7.55 -23.80
N LYS A 415 -5.32 7.90 -24.75
CA LYS A 415 -4.12 8.70 -24.53
C LYS A 415 -4.55 10.08 -24.08
N LEU A 416 -3.95 10.54 -23.00
CA LEU A 416 -4.24 11.84 -22.44
C LEU A 416 -3.04 12.75 -22.67
N LYS A 417 -3.26 14.06 -22.57
CA LYS A 417 -2.14 14.99 -22.68
C LYS A 417 -1.37 15.06 -21.34
N ASN A 418 -0.06 14.72 -21.40
CA ASN A 418 0.91 14.76 -20.32
C ASN A 418 1.01 16.21 -19.85
N PHE A 419 1.16 16.44 -18.52
CA PHE A 419 1.25 17.82 -18.03
C PHE A 419 2.58 18.51 -18.40
N THR A 420 2.47 19.63 -19.14
CA THR A 420 3.57 20.44 -19.67
C THR A 420 3.62 21.85 -19.08
N GLY A 421 2.45 22.44 -18.84
CA GLY A 421 2.33 23.78 -18.27
C GLY A 421 0.92 24.33 -18.34
ZN ZN B . 7.82 3.03 -5.15
O1 QI1 C . 6.10 4.21 -4.84
N1 QI1 C . 5.99 5.20 -5.76
C1 QI1 C . 6.79 5.18 -6.82
O2 QI1 C . 7.64 4.30 -7.00
C2 QI1 C . 6.62 6.33 -7.83
C3 QI1 C . 6.20 5.82 -9.20
C4 QI1 C . 7.36 5.21 -10.01
N2 QI1 C . 7.51 5.88 -11.32
C5 QI1 C . 6.23 5.95 -12.06
C6 QI1 C . 6.22 5.25 -13.43
C7 QI1 C . 5.67 3.97 -13.54
C8 QI1 C . 5.62 3.33 -14.79
C9 QI1 C . 8.67 5.36 -12.07
C10 QI1 C . 6.68 5.91 -14.57
C11 QI1 C . 6.65 5.27 -15.82
C12 QI1 C . 6.12 3.98 -15.93
CL1 QI1 C . 6.07 3.18 -17.45
C13 QI1 C . 9.62 6.53 -12.33
C14 QI1 C . 9.82 6.98 -13.64
C15 QI1 C . 10.68 8.04 -13.89
C16 QI1 C . 10.28 7.17 -11.27
C17 QI1 C . 11.13 8.24 -11.53
C18 QI1 C . 11.33 8.68 -12.84
CL2 QI1 C . 12.39 10.01 -13.16
C1 EDO D . 5.92 1.97 -10.54
O1 EDO D . 6.77 0.99 -9.96
C2 EDO D . 4.63 1.32 -11.04
O2 EDO D . 4.93 0.14 -11.82
C1 EDO E . -11.51 3.40 -21.01
O1 EDO E . -10.59 3.13 -22.08
C2 EDO E . -12.21 4.72 -21.29
O2 EDO E . -11.25 5.77 -21.41
#